data_5Z66
#
_entry.id   5Z66
#
_cell.length_a   122.030
_cell.length_b   51.450
_cell.length_c   96.400
_cell.angle_alpha   90.00
_cell.angle_beta   106.95
_cell.angle_gamma   90.00
#
_symmetry.space_group_name_H-M   'C 1 2 1'
#
loop_
_entity.id
_entity.type
_entity.pdbx_description
1 polymer 'Periplasmic trehalase'
2 non-polymer 'SULFATE ION'
3 non-polymer (1S,2S,3R,6S)-4-(HYDROXYMETHYL)-6-{[(1S,2S,3S,4R,5R)-2,3,4-TRIHYDROXY-5-(HYDROXYMETHYL)CYCLOHEXYL]AMINO}CYCLOHEX-4-ENE-1,2,3-TRIOL
4 non-polymer GLYCEROL
5 water water
#
_entity_poly.entity_id   1
_entity_poly.type   'polypeptide(L)'
_entity_poly.pdbx_seq_one_letter_code
;MGSSHHHHHHSSGLVPRGSHMASMTGGQQMGRGSEFDDNPATQTTSPDILLGPLFNDVQSAKLFPDQKTFADAVPKSDPL
MILADYRMQHTQSSFDLRHFVEMNFTLPAEGEKYVPPAGQSLREHIDDLWPVLTRTTDKASNKWDSLLPLPKPYVVPGGR
FREVYYWDSYFTMLGLAESDHWDKISDMVDNFAYEIDTFGHIPNGNRSYYLSRSQPPFFSMMVELLATHDSDALKKYRPQ
MEKEYAYWMDGVDALQPGQANKRVVKLDDGAILNRYWDDRDTPRPESWLDDVNTAKSNPNRPATEIYRDLRSAAASGWDF
SSRWMDDPQKLGTIRTTSIVPVDLNALMFKMEKLLARASQESGDAASASKYEALATARQKAIESHLWNDKEGWYADYDLK
SKKVRNQLTAAALFPLYVKAAAQDRADKVAAATSSRLLKPGGIATTTVNSGQQWDAPNGWAPLQWVAAEGLQNYGQEKVS
MDVTWRFLKNVQHTYDREKKLVEKYDVSTTGTGGGGGEYPLQDGFGWSNGVTLKMLDRVCPKAKPCDSVPENQPAANDEV
APV
;
_entity_poly.pdbx_strand_id   A
#
loop_
_chem_comp.id
_chem_comp.type
_chem_comp.name
_chem_comp.formula
GOL non-polymer GLYCEROL 'C3 H8 O3'
SO4 non-polymer 'SULFATE ION' 'O4 S -2'
VDM non-polymer (1S,2S,3R,6S)-4-(HYDROXYMETHYL)-6-{[(1S,2S,3S,4R,5R)-2,3,4-TRIHYDROXY-5-(HYDROXYMETHYL)CYCLOHEXYL]AMINO}CYCLOHEX-4-ENE-1,2,3-TRIOL 'C14 H25 N O8'
#
# COMPACT_ATOMS: atom_id res chain seq x y z
N THR A 42 -0.13 -10.79 -21.92
CA THR A 42 -0.66 -10.29 -20.65
C THR A 42 -1.98 -10.97 -20.29
N GLN A 43 -1.93 -11.85 -19.29
CA GLN A 43 -3.12 -12.58 -18.86
C GLN A 43 -4.01 -11.67 -18.03
N THR A 44 -5.18 -11.34 -18.57
CA THR A 44 -6.09 -10.44 -17.88
C THR A 44 -7.13 -11.18 -17.02
N THR A 45 -7.33 -12.47 -17.24
CA THR A 45 -8.31 -13.25 -16.49
C THR A 45 -7.70 -13.78 -15.19
N SER A 46 -8.33 -13.45 -14.07
CA SER A 46 -7.82 -13.84 -12.76
C SER A 46 -7.92 -15.36 -12.57
N PRO A 47 -7.07 -15.93 -11.70
CA PRO A 47 -7.02 -17.40 -11.57
C PRO A 47 -8.33 -18.03 -11.12
N ASP A 48 -9.10 -17.36 -10.26
CA ASP A 48 -10.36 -17.94 -9.82
C ASP A 48 -11.31 -18.17 -10.99
N ILE A 49 -11.24 -17.32 -12.02
CA ILE A 49 -12.11 -17.48 -13.18
C ILE A 49 -11.53 -18.48 -14.16
N LEU A 50 -10.22 -18.41 -14.41
CA LEU A 50 -9.58 -19.35 -15.34
C LEU A 50 -9.78 -20.78 -14.91
N LEU A 51 -9.66 -21.06 -13.60
CA LEU A 51 -9.56 -22.42 -13.11
C LEU A 51 -10.79 -22.88 -12.33
N GLY A 52 -11.82 -22.05 -12.28
CA GLY A 52 -13.12 -22.42 -11.73
C GLY A 52 -13.08 -23.32 -10.51
N PRO A 53 -13.71 -24.50 -10.63
CA PRO A 53 -13.81 -25.39 -9.46
C PRO A 53 -12.48 -25.94 -9.00
N LEU A 54 -11.48 -26.08 -9.88
CA LEU A 54 -10.17 -26.52 -9.43
C LEU A 54 -9.56 -25.48 -8.49
N PHE A 55 -9.72 -24.20 -8.79
CA PHE A 55 -9.21 -23.16 -7.91
C PHE A 55 -9.89 -23.23 -6.54
N ASN A 56 -11.23 -23.27 -6.54
CA ASN A 56 -11.95 -23.41 -5.29
C ASN A 56 -11.53 -24.66 -4.53
N ASP A 57 -11.28 -25.76 -5.24
CA ASP A 57 -10.89 -27.01 -4.59
C ASP A 57 -9.53 -26.89 -3.92
N VAL A 58 -8.52 -26.41 -4.67
CA VAL A 58 -7.18 -26.27 -4.11
C VAL A 58 -7.19 -25.33 -2.92
N GLN A 59 -7.91 -24.22 -3.02
CA GLN A 59 -7.88 -23.22 -1.95
C GLN A 59 -8.63 -23.69 -0.71
N SER A 60 -9.80 -24.30 -0.91
CA SER A 60 -10.57 -24.79 0.24
C SER A 60 -9.86 -25.93 0.95
N ALA A 61 -9.11 -26.75 0.22
CA ALA A 61 -8.39 -27.88 0.81
C ALA A 61 -7.13 -27.44 1.55
N LYS A 62 -6.71 -26.18 1.41
CA LYS A 62 -5.45 -25.70 1.98
C LYS A 62 -4.30 -26.64 1.60
N LEU A 63 -4.25 -27.00 0.32
CA LEU A 63 -3.13 -27.75 -0.23
C LEU A 63 -1.81 -27.09 0.15
N PHE A 64 -1.76 -25.76 0.08
CA PHE A 64 -0.60 -24.97 0.41
C PHE A 64 -0.90 -24.08 1.61
N PRO A 65 0.07 -23.89 2.51
CA PRO A 65 -0.20 -23.09 3.71
C PRO A 65 -0.48 -21.62 3.40
N ASP A 66 -0.14 -21.14 2.23
CA ASP A 66 -0.39 -19.76 1.82
C ASP A 66 -1.39 -19.78 0.67
N GLN A 67 -2.53 -19.12 0.87
CA GLN A 67 -3.53 -19.02 -0.21
C GLN A 67 -2.95 -18.35 -1.45
N LYS A 68 -1.95 -17.47 -1.29
CA LYS A 68 -1.37 -16.80 -2.43
C LYS A 68 -0.60 -17.76 -3.34
N THR A 69 -0.16 -18.90 -2.81
CA THR A 69 0.68 -19.81 -3.59
C THR A 69 -0.02 -20.29 -4.85
N PHE A 70 -1.24 -20.82 -4.72
CA PHE A 70 -1.91 -21.31 -5.92
C PHE A 70 -2.41 -20.18 -6.80
N ALA A 71 -2.68 -19.01 -6.22
CA ALA A 71 -3.01 -17.84 -7.03
C ALA A 71 -1.87 -17.50 -7.99
N ASP A 72 -0.64 -17.80 -7.61
CA ASP A 72 0.53 -17.52 -8.44
C ASP A 72 1.00 -18.74 -9.23
N ALA A 73 0.34 -19.88 -9.08
CA ALA A 73 0.73 -21.07 -9.83
C ALA A 73 0.48 -20.85 -11.31
N VAL A 74 1.44 -21.26 -12.13
CA VAL A 74 1.40 -21.03 -13.57
C VAL A 74 0.96 -22.32 -14.26
N PRO A 75 -0.17 -22.34 -14.96
CA PRO A 75 -0.58 -23.55 -15.68
C PRO A 75 0.46 -23.98 -16.70
N LYS A 76 0.72 -25.28 -16.75
CA LYS A 76 1.61 -25.84 -17.76
C LYS A 76 0.93 -26.09 -19.09
N SER A 77 -0.38 -25.89 -19.17
CA SER A 77 -1.15 -26.05 -20.40
C SER A 77 -2.45 -25.28 -20.25
N ASP A 78 -3.25 -25.30 -21.31
CA ASP A 78 -4.50 -24.56 -21.34
C ASP A 78 -5.38 -24.95 -20.14
N PRO A 79 -5.88 -23.99 -19.38
CA PRO A 79 -6.82 -24.33 -18.29
C PRO A 79 -7.99 -25.17 -18.75
N LEU A 80 -8.47 -24.97 -19.98
CA LEU A 80 -9.53 -25.82 -20.52
C LEU A 80 -9.10 -27.29 -20.50
N MET A 81 -7.86 -27.56 -20.92
CA MET A 81 -7.32 -28.92 -20.83
C MET A 81 -7.21 -29.36 -19.38
N ILE A 82 -6.58 -28.53 -18.54
CA ILE A 82 -6.35 -28.89 -17.15
C ILE A 82 -7.67 -29.20 -16.45
N LEU A 83 -8.69 -28.36 -16.67
CA LEU A 83 -9.99 -28.63 -16.08
C LEU A 83 -10.62 -29.90 -16.65
N ALA A 84 -10.44 -30.13 -17.95
CA ALA A 84 -10.93 -31.36 -18.54
C ALA A 84 -10.21 -32.56 -17.95
N ASP A 85 -8.87 -32.54 -17.98
CA ASP A 85 -8.09 -33.61 -17.36
C ASP A 85 -8.46 -33.77 -15.89
N TYR A 86 -8.66 -32.64 -15.19
CA TYR A 86 -9.02 -32.70 -13.78
C TYR A 86 -10.37 -33.37 -13.58
N ARG A 87 -11.36 -32.96 -14.37
CA ARG A 87 -12.69 -33.54 -14.24
C ARG A 87 -12.66 -35.05 -14.47
N MET A 88 -11.77 -35.54 -15.34
CA MET A 88 -11.68 -36.96 -15.61
C MET A 88 -10.78 -37.71 -14.64
N GLN A 89 -9.67 -37.09 -14.21
CA GLN A 89 -8.77 -37.74 -13.27
C GLN A 89 -9.27 -37.69 -11.83
N HIS A 90 -10.10 -36.68 -11.50
CA HIS A 90 -10.61 -36.56 -10.13
C HIS A 90 -11.34 -37.80 -9.70
N THR A 91 -12.08 -38.44 -10.61
CA THR A 91 -12.88 -39.60 -10.24
C THR A 91 -12.03 -40.84 -9.99
N GLN A 92 -10.81 -40.89 -10.54
CA GLN A 92 -9.97 -42.07 -10.40
C GLN A 92 -9.62 -42.32 -8.94
N SER A 93 -9.74 -43.58 -8.52
CA SER A 93 -9.34 -43.93 -7.16
C SER A 93 -7.84 -43.69 -6.98
N SER A 94 -7.47 -43.31 -5.76
CA SER A 94 -6.11 -42.85 -5.47
C SER A 94 -5.72 -41.65 -6.33
N PHE A 95 -6.65 -40.71 -6.50
CA PHE A 95 -6.34 -39.42 -7.10
C PHE A 95 -5.80 -38.50 -6.01
N ASP A 96 -4.59 -37.99 -6.22
CA ASP A 96 -3.94 -37.11 -5.26
C ASP A 96 -3.95 -35.69 -5.82
N LEU A 97 -4.74 -34.81 -5.20
CA LEU A 97 -4.85 -33.44 -5.68
C LEU A 97 -3.48 -32.76 -5.71
N ARG A 98 -2.64 -33.02 -4.70
CA ARG A 98 -1.30 -32.43 -4.67
C ARG A 98 -0.49 -32.87 -5.88
N HIS A 99 -0.57 -34.15 -6.24
CA HIS A 99 0.19 -34.63 -7.39
C HIS A 99 -0.34 -34.05 -8.70
N PHE A 100 -1.66 -33.92 -8.82
CA PHE A 100 -2.23 -33.32 -10.02
C PHE A 100 -1.77 -31.88 -10.19
N VAL A 101 -1.74 -31.13 -9.08
CA VAL A 101 -1.30 -29.73 -9.15
C VAL A 101 0.17 -29.66 -9.56
N GLU A 102 1.01 -30.47 -8.93
CA GLU A 102 2.43 -30.46 -9.28
C GLU A 102 2.65 -30.89 -10.72
N MET A 103 1.79 -31.77 -11.25
CA MET A 103 1.92 -32.21 -12.64
C MET A 103 1.55 -31.11 -13.62
N ASN A 104 0.58 -30.27 -13.27
CA ASN A 104 -0.03 -29.34 -14.22
C ASN A 104 0.29 -27.88 -13.95
N PHE A 105 1.04 -27.58 -12.90
CA PHE A 105 1.32 -26.19 -12.55
C PHE A 105 2.78 -26.05 -12.14
N THR A 106 3.37 -24.93 -12.52
CA THR A 106 4.64 -24.49 -11.96
C THR A 106 4.34 -23.66 -10.72
N LEU A 107 4.83 -24.09 -9.59
CA LEU A 107 4.54 -23.41 -8.34
C LEU A 107 5.61 -22.38 -8.02
N PRO A 108 5.26 -21.33 -7.27
CA PRO A 108 6.27 -20.33 -6.89
C PRO A 108 7.43 -20.97 -6.14
N ALA A 109 8.61 -20.36 -6.31
CA ALA A 109 9.81 -20.83 -5.64
C ALA A 109 9.60 -20.88 -4.12
N GLU A 110 10.15 -21.93 -3.50
CA GLU A 110 9.96 -22.18 -2.08
C GLU A 110 10.61 -21.09 -1.22
N GLY A 111 11.31 -20.16 -1.86
CA GLY A 111 12.00 -19.12 -1.13
C GLY A 111 13.19 -19.65 -0.37
N GLU A 112 14.03 -20.45 -1.05
CA GLU A 112 15.28 -20.91 -0.46
C GLU A 112 16.13 -19.70 -0.09
N LYS A 113 16.33 -19.50 1.21
CA LYS A 113 16.65 -18.20 1.75
C LYS A 113 17.95 -17.62 1.19
N TYR A 114 17.92 -16.33 0.88
CA TYR A 114 19.11 -15.60 0.55
C TYR A 114 20.03 -15.50 1.76
N VAL A 115 21.34 -15.69 1.52
CA VAL A 115 22.36 -15.61 2.56
C VAL A 115 23.36 -14.53 2.17
N PRO A 116 23.48 -13.43 2.90
CA PRO A 116 24.49 -12.42 2.59
C PRO A 116 25.82 -12.76 3.21
N PRO A 117 26.91 -12.13 2.75
CA PRO A 117 28.18 -12.22 3.49
C PRO A 117 28.00 -11.76 4.93
N ALA A 118 28.71 -12.40 5.84
CA ALA A 118 28.59 -12.08 7.25
C ALA A 118 29.17 -10.70 7.55
N GLY A 119 28.70 -10.12 8.66
CA GLY A 119 29.32 -8.94 9.23
C GLY A 119 28.94 -7.61 8.62
N GLN A 120 27.85 -7.54 7.87
CA GLN A 120 27.51 -6.30 7.20
C GLN A 120 26.75 -5.38 8.15
N SER A 121 27.07 -4.10 8.10
CA SER A 121 26.33 -3.10 8.87
C SER A 121 24.92 -2.93 8.32
N LEU A 122 24.09 -2.21 9.08
CA LEU A 122 22.72 -1.93 8.65
C LEU A 122 22.71 -1.29 7.27
N ARG A 123 23.49 -0.22 7.09
CA ARG A 123 23.48 0.47 5.80
C ARG A 123 24.04 -0.42 4.70
N GLU A 124 25.14 -1.13 4.98
CA GLU A 124 25.68 -2.09 4.02
CA GLU A 124 25.68 -2.08 4.02
C GLU A 124 24.63 -3.12 3.64
N HIS A 125 23.97 -3.70 4.64
CA HIS A 125 22.94 -4.70 4.39
C HIS A 125 21.85 -4.15 3.47
N ILE A 126 21.33 -2.96 3.78
CA ILE A 126 20.28 -2.38 2.93
C ILE A 126 20.81 -2.12 1.53
N ASP A 127 21.96 -1.46 1.43
CA ASP A 127 22.50 -1.06 0.14
C ASP A 127 22.69 -2.27 -0.77
N ASP A 128 23.16 -3.39 -0.21
CA ASP A 128 23.47 -4.57 -0.98
C ASP A 128 22.27 -5.49 -1.19
N LEU A 129 21.13 -5.19 -0.56
CA LEU A 129 19.96 -6.03 -0.69
C LEU A 129 19.06 -5.66 -1.86
N TRP A 130 19.23 -4.47 -2.46
CA TRP A 130 18.37 -4.09 -3.58
C TRP A 130 18.34 -5.13 -4.69
N PRO A 131 19.46 -5.73 -5.13
CA PRO A 131 19.36 -6.80 -6.15
C PRO A 131 18.55 -7.98 -5.70
N VAL A 132 18.61 -8.34 -4.40
CA VAL A 132 17.80 -9.45 -3.90
C VAL A 132 16.32 -9.19 -4.12
N LEU A 133 15.90 -7.93 -4.02
CA LEU A 133 14.50 -7.56 -4.18
C LEU A 133 14.12 -7.16 -5.59
N THR A 134 15.05 -7.22 -6.55
CA THR A 134 14.78 -6.79 -7.92
C THR A 134 14.34 -8.00 -8.74
N ARG A 135 13.27 -7.84 -9.50
CA ARG A 135 12.71 -8.91 -10.30
C ARG A 135 12.33 -8.36 -11.67
N THR A 136 12.06 -9.26 -12.60
CA THR A 136 11.59 -8.91 -13.92
C THR A 136 10.51 -9.91 -14.34
N THR A 137 9.77 -9.53 -15.37
CA THR A 137 8.85 -10.45 -16.03
C THR A 137 9.49 -11.12 -17.25
N ASP A 138 10.83 -11.17 -17.30
CA ASP A 138 11.52 -11.70 -18.46
C ASP A 138 11.25 -13.18 -18.67
N LYS A 139 10.95 -13.93 -17.60
CA LYS A 139 10.79 -15.37 -17.70
C LYS A 139 9.83 -15.73 -18.82
N ALA A 140 10.15 -16.79 -19.55
CA ALA A 140 9.35 -17.28 -20.67
C ALA A 140 7.88 -17.26 -20.30
N SER A 141 7.16 -16.26 -20.80
CA SER A 141 5.84 -15.93 -20.27
C SER A 141 4.78 -16.85 -20.85
N ASN A 142 4.26 -17.73 -20.00
CA ASN A 142 3.04 -18.47 -20.30
C ASN A 142 1.88 -17.50 -20.50
N LYS A 143 0.94 -17.88 -21.38
CA LYS A 143 -0.22 -17.05 -21.64
C LYS A 143 -1.12 -16.91 -20.41
N TRP A 144 -1.07 -17.86 -19.48
CA TRP A 144 -1.99 -17.91 -18.35
C TRP A 144 -1.30 -17.60 -17.03
N ASP A 145 -0.10 -17.00 -17.08
CA ASP A 145 0.59 -16.56 -15.88
C ASP A 145 -0.15 -15.37 -15.28
N SER A 146 -0.37 -15.41 -13.95
CA SER A 146 -1.02 -14.28 -13.30
C SER A 146 -0.09 -13.06 -13.21
N LEU A 147 1.22 -13.27 -13.35
CA LEU A 147 2.16 -12.15 -13.33
C LEU A 147 2.06 -11.36 -14.62
N LEU A 148 1.78 -10.06 -14.51
CA LEU A 148 1.57 -9.25 -15.70
C LEU A 148 2.91 -8.73 -16.21
N PRO A 149 3.22 -8.90 -17.49
CA PRO A 149 4.49 -8.40 -18.03
C PRO A 149 4.63 -6.89 -17.86
N LEU A 150 5.84 -6.47 -17.53
CA LEU A 150 6.22 -5.07 -17.44
C LEU A 150 7.49 -4.83 -18.24
N PRO A 151 7.67 -3.63 -18.80
CA PRO A 151 8.82 -3.40 -19.68
C PRO A 151 10.17 -3.40 -18.98
N LYS A 152 10.24 -3.05 -17.71
CA LYS A 152 11.50 -2.83 -17.01
C LYS A 152 11.58 -3.66 -15.74
N PRO A 153 12.78 -3.85 -15.20
CA PRO A 153 12.90 -4.48 -13.88
C PRO A 153 12.28 -3.61 -12.80
N TYR A 154 11.98 -4.22 -11.65
CA TYR A 154 11.32 -3.53 -10.56
C TYR A 154 11.74 -4.15 -9.24
N VAL A 155 11.52 -3.39 -8.16
CA VAL A 155 11.85 -3.84 -6.81
C VAL A 155 10.56 -4.29 -6.12
N VAL A 156 10.57 -5.51 -5.60
CA VAL A 156 9.41 -6.08 -4.91
C VAL A 156 9.56 -5.87 -3.40
N PRO A 157 8.48 -5.99 -2.61
CA PRO A 157 8.66 -5.79 -1.16
C PRO A 157 9.48 -6.88 -0.50
N GLY A 158 9.29 -8.13 -0.90
CA GLY A 158 10.02 -9.24 -0.30
C GLY A 158 9.11 -10.37 0.14
N GLY A 159 9.69 -11.55 0.39
CA GLY A 159 8.92 -12.67 0.89
C GLY A 159 7.87 -13.13 -0.11
N ARG A 160 6.65 -13.34 0.39
CA ARG A 160 5.54 -13.79 -0.45
C ARG A 160 5.13 -12.73 -1.47
N PHE A 161 5.64 -11.51 -1.34
CA PHE A 161 5.25 -10.42 -2.24
C PHE A 161 6.23 -10.43 -3.41
N ARG A 162 5.86 -11.20 -4.43
CA ARG A 162 6.69 -11.52 -5.60
C ARG A 162 6.26 -10.71 -6.81
N GLU A 163 5.88 -9.47 -6.61
CA GLU A 163 5.39 -8.60 -7.68
C GLU A 163 5.55 -7.17 -7.18
N VAL A 164 5.49 -6.21 -8.10
CA VAL A 164 5.71 -4.82 -7.71
C VAL A 164 4.40 -4.26 -7.16
N TYR A 165 4.49 -3.57 -6.03
CA TYR A 165 3.33 -2.99 -5.38
C TYR A 165 3.31 -1.47 -5.58
N TYR A 166 2.11 -0.90 -5.57
CA TYR A 166 1.98 0.52 -5.87
C TYR A 166 2.59 1.37 -4.76
N TRP A 167 1.96 1.46 -3.58
CA TRP A 167 2.45 2.49 -2.66
C TRP A 167 3.79 2.09 -2.02
N ASP A 168 4.07 0.79 -1.88
CA ASP A 168 5.39 0.38 -1.41
C ASP A 168 6.50 1.02 -2.23
N SER A 169 6.28 1.15 -3.54
CA SER A 169 7.36 1.54 -4.42
C SER A 169 7.80 2.98 -4.19
N TYR A 170 6.89 3.85 -3.74
CA TYR A 170 7.31 5.21 -3.43
C TYR A 170 8.38 5.22 -2.33
N PHE A 171 8.13 4.48 -1.26
CA PHE A 171 9.06 4.46 -0.14
C PHE A 171 10.32 3.68 -0.48
N THR A 172 10.19 2.64 -1.30
CA THR A 172 11.37 1.97 -1.84
C THR A 172 12.20 2.94 -2.68
N MET A 173 11.54 3.76 -3.50
CA MET A 173 12.24 4.72 -4.33
C MET A 173 13.01 5.74 -3.48
N LEU A 174 12.45 6.13 -2.32
CA LEU A 174 13.16 7.04 -1.44
C LEU A 174 14.53 6.47 -1.08
N GLY A 175 14.59 5.17 -0.76
CA GLY A 175 15.86 4.55 -0.42
C GLY A 175 16.76 4.39 -1.64
N LEU A 176 16.18 4.03 -2.79
CA LEU A 176 16.98 3.93 -4.01
C LEU A 176 17.58 5.28 -4.38
N ALA A 177 16.81 6.37 -4.19
CA ALA A 177 17.35 7.69 -4.48
C ALA A 177 18.47 8.05 -3.52
N GLU A 178 18.28 7.72 -2.24
CA GLU A 178 19.31 7.99 -1.24
C GLU A 178 20.63 7.30 -1.60
N SER A 179 20.56 6.09 -2.14
CA SER A 179 21.76 5.32 -2.46
C SER A 179 22.10 5.35 -3.94
N ASP A 180 21.54 6.32 -4.67
CA ASP A 180 21.95 6.64 -6.04
C ASP A 180 21.66 5.50 -7.02
N HIS A 181 20.45 4.96 -6.95
CA HIS A 181 19.98 3.99 -7.94
C HIS A 181 18.89 4.61 -8.79
N TRP A 182 19.24 5.63 -9.57
CA TRP A 182 18.21 6.39 -10.29
C TRP A 182 17.65 5.62 -11.49
N ASP A 183 18.46 4.76 -12.10
CA ASP A 183 17.95 3.93 -13.20
C ASP A 183 16.84 2.99 -12.72
N LYS A 184 17.00 2.42 -11.52
CA LYS A 184 15.94 1.58 -10.98
C LYS A 184 14.67 2.38 -10.73
N ILE A 185 14.83 3.64 -10.30
CA ILE A 185 13.67 4.49 -10.06
C ILE A 185 13.01 4.86 -11.38
N SER A 186 13.81 5.30 -12.36
CA SER A 186 13.26 5.63 -13.68
C SER A 186 12.54 4.43 -14.28
N ASP A 187 13.12 3.24 -14.13
CA ASP A 187 12.51 2.02 -14.67
C ASP A 187 11.15 1.73 -14.02
N MET A 188 11.04 1.92 -12.70
CA MET A 188 9.76 1.63 -12.06
C MET A 188 8.72 2.69 -12.44
N VAL A 189 9.13 3.94 -12.62
CA VAL A 189 8.18 4.96 -13.07
C VAL A 189 7.69 4.62 -14.47
N ASP A 190 8.61 4.17 -15.34
CA ASP A 190 8.25 3.69 -16.66
C ASP A 190 7.24 2.53 -16.59
N ASN A 191 7.45 1.58 -15.67
CA ASN A 191 6.50 0.49 -15.49
C ASN A 191 5.12 1.01 -15.08
N PHE A 192 5.08 1.95 -14.13
CA PHE A 192 3.80 2.45 -13.66
C PHE A 192 3.09 3.25 -14.74
N ALA A 193 3.84 4.03 -15.53
CA ALA A 193 3.24 4.73 -16.65
C ALA A 193 2.71 3.75 -17.68
N TYR A 194 3.44 2.68 -17.93
CA TYR A 194 2.93 1.62 -18.82
C TYR A 194 1.64 1.03 -18.28
N GLU A 195 1.54 0.83 -16.96
CA GLU A 195 0.32 0.22 -16.44
C GLU A 195 -0.85 1.18 -16.57
N ILE A 196 -0.62 2.46 -16.35
CA ILE A 196 -1.68 3.45 -16.53
C ILE A 196 -2.15 3.45 -17.99
N ASP A 197 -1.22 3.46 -18.94
CA ASP A 197 -1.59 3.46 -20.35
C ASP A 197 -2.30 2.18 -20.74
N THR A 198 -1.94 1.05 -20.12
CA THR A 198 -2.44 -0.25 -20.53
C THR A 198 -3.74 -0.61 -19.84
N PHE A 199 -3.81 -0.40 -18.53
CA PHE A 199 -4.95 -0.83 -17.73
C PHE A 199 -5.86 0.30 -17.29
N GLY A 200 -5.46 1.56 -17.47
CA GLY A 200 -6.23 2.70 -17.03
C GLY A 200 -5.89 3.18 -15.64
N HIS A 201 -5.10 2.43 -14.89
CA HIS A 201 -4.72 2.76 -13.52
C HIS A 201 -3.56 1.86 -13.15
N ILE A 202 -2.93 2.15 -12.01
CA ILE A 202 -1.86 1.31 -11.49
C ILE A 202 -2.51 0.24 -10.61
N PRO A 203 -2.45 -1.04 -10.99
CA PRO A 203 -3.02 -2.08 -10.13
C PRO A 203 -2.25 -2.20 -8.83
N ASN A 204 -2.96 -2.72 -7.82
CA ASN A 204 -2.38 -3.04 -6.51
C ASN A 204 -0.98 -3.61 -6.67
N GLY A 205 -0.85 -4.59 -7.57
CA GLY A 205 0.44 -5.11 -8.00
C GLY A 205 0.26 -5.66 -9.40
N ASN A 206 1.36 -6.03 -10.04
CA ASN A 206 1.25 -6.52 -11.42
C ASN A 206 0.85 -8.00 -11.43
N ARG A 207 -0.36 -8.26 -10.91
CA ARG A 207 -0.98 -9.58 -10.93
C ARG A 207 -2.38 -9.46 -11.50
N SER A 208 -2.80 -10.48 -12.26
CA SER A 208 -4.16 -10.48 -12.83
C SER A 208 -5.23 -10.27 -11.77
N TYR A 209 -5.06 -10.89 -10.60
CA TYR A 209 -6.05 -10.77 -9.54
C TYR A 209 -5.98 -9.44 -8.79
N TYR A 210 -5.05 -8.55 -9.15
CA TYR A 210 -4.99 -7.20 -8.61
C TYR A 210 -5.55 -6.16 -9.55
N LEU A 211 -5.94 -6.53 -10.77
CA LEU A 211 -6.37 -5.55 -11.77
C LEU A 211 -7.62 -4.79 -11.35
N SER A 212 -8.45 -5.37 -10.48
CA SER A 212 -9.73 -4.77 -10.13
C SER A 212 -9.60 -3.57 -9.19
N ARG A 213 -8.40 -3.24 -8.73
CA ARG A 213 -8.25 -2.16 -7.77
C ARG A 213 -6.88 -1.50 -7.95
N SER A 214 -6.71 -0.36 -7.29
CA SER A 214 -5.42 0.31 -7.25
C SER A 214 -4.83 0.21 -5.86
N GLN A 215 -4.28 1.31 -5.34
CA GLN A 215 -3.69 1.38 -4.00
C GLN A 215 -3.51 2.86 -3.68
N PRO A 216 -3.02 3.24 -2.49
CA PRO A 216 -2.82 4.69 -2.21
C PRO A 216 -2.04 5.36 -3.34
N PRO A 217 -2.58 6.43 -3.93
CA PRO A 217 -2.02 6.93 -5.20
C PRO A 217 -0.80 7.81 -5.06
N PHE A 218 0.39 7.20 -5.09
CA PHE A 218 1.65 7.92 -4.95
C PHE A 218 2.34 8.22 -6.28
N PHE A 219 1.72 7.89 -7.41
CA PHE A 219 2.42 7.99 -8.69
C PHE A 219 2.91 9.41 -8.96
N SER A 220 2.05 10.41 -8.72
CA SER A 220 2.47 11.79 -8.94
C SER A 220 3.66 12.14 -8.06
N MET A 221 3.69 11.63 -6.83
CA MET A 221 4.81 11.90 -5.95
C MET A 221 6.06 11.13 -6.39
N MET A 222 5.87 9.96 -7.00
CA MET A 222 7.00 9.27 -7.63
C MET A 222 7.61 10.11 -8.74
N VAL A 223 6.77 10.71 -9.58
CA VAL A 223 7.27 11.52 -10.68
C VAL A 223 7.97 12.76 -10.14
N GLU A 224 7.40 13.38 -9.10
CA GLU A 224 8.06 14.50 -8.44
C GLU A 224 9.44 14.12 -7.92
N LEU A 225 9.55 12.94 -7.31
CA LEU A 225 10.86 12.46 -6.83
C LEU A 225 11.83 12.29 -7.99
N LEU A 226 11.38 11.67 -9.07
CA LEU A 226 12.24 11.50 -10.24
C LEU A 226 12.66 12.85 -10.82
N ALA A 227 11.79 13.85 -10.73
CA ALA A 227 12.09 15.16 -11.29
C ALA A 227 13.22 15.86 -10.56
N THR A 228 13.49 15.51 -9.30
CA THR A 228 14.67 16.05 -8.64
C THR A 228 15.95 15.60 -9.29
N HIS A 229 15.90 14.51 -10.07
CA HIS A 229 17.06 13.98 -10.78
C HIS A 229 16.99 14.22 -12.28
N ASP A 230 15.84 13.97 -12.89
CA ASP A 230 15.60 14.25 -14.30
C ASP A 230 14.60 15.40 -14.35
N SER A 231 15.09 16.61 -14.59
CA SER A 231 14.28 17.81 -14.37
C SER A 231 13.02 17.85 -15.22
N ASP A 232 12.94 17.07 -16.30
CA ASP A 232 11.79 17.11 -17.18
C ASP A 232 10.72 16.09 -16.83
N ALA A 233 10.90 15.33 -15.74
CA ALA A 233 10.06 14.17 -15.49
C ALA A 233 8.59 14.53 -15.28
N LEU A 234 8.32 15.66 -14.61
CA LEU A 234 6.93 16.05 -14.40
C LEU A 234 6.25 16.38 -15.71
N LYS A 235 6.96 17.07 -16.62
CA LYS A 235 6.40 17.33 -17.94
C LYS A 235 6.25 16.03 -18.72
N LYS A 236 7.24 15.13 -18.62
CA LYS A 236 7.23 13.90 -19.40
C LYS A 236 6.04 13.01 -19.03
N TYR A 237 5.77 12.86 -17.74
CA TYR A 237 4.76 11.91 -17.28
C TYR A 237 3.43 12.57 -16.98
N ARG A 238 3.27 13.86 -17.30
CA ARG A 238 1.97 14.50 -17.15
C ARG A 238 0.83 13.72 -17.80
N PRO A 239 0.96 13.17 -19.01
CA PRO A 239 -0.20 12.46 -19.58
C PRO A 239 -0.69 11.32 -18.73
N GLN A 240 0.22 10.52 -18.18
CA GLN A 240 -0.20 9.41 -17.34
C GLN A 240 -0.71 9.90 -15.99
N MET A 241 -0.11 10.97 -15.45
CA MET A 241 -0.63 11.58 -14.24
C MET A 241 -2.09 12.01 -14.42
N GLU A 242 -2.39 12.64 -15.56
CA GLU A 242 -3.77 13.06 -15.84
C GLU A 242 -4.69 11.86 -16.01
N LYS A 243 -4.21 10.80 -16.67
CA LYS A 243 -5.02 9.60 -16.82
C LYS A 243 -5.31 8.95 -15.48
N GLU A 244 -4.34 8.93 -14.57
CA GLU A 244 -4.61 8.33 -13.27
C GLU A 244 -5.64 9.15 -12.51
N TYR A 245 -5.53 10.47 -12.59
CA TYR A 245 -6.51 11.34 -11.94
C TYR A 245 -7.92 11.04 -12.46
N ALA A 246 -8.06 10.86 -13.77
CA ALA A 246 -9.38 10.55 -14.34
C ALA A 246 -9.93 9.23 -13.80
N TYR A 247 -9.05 8.27 -13.52
CA TYR A 247 -9.50 7.00 -12.96
C TYR A 247 -10.11 7.21 -11.57
N TRP A 248 -9.43 7.97 -10.72
CA TRP A 248 -9.95 8.22 -9.37
C TRP A 248 -11.23 9.04 -9.41
N MET A 249 -11.32 10.00 -10.33
CA MET A 249 -12.47 10.90 -10.40
C MET A 249 -13.59 10.38 -11.28
N ASP A 250 -13.47 9.16 -11.79
CA ASP A 250 -14.40 8.57 -12.75
C ASP A 250 -15.85 8.70 -12.31
N GLY A 251 -16.63 9.48 -13.07
CA GLY A 251 -18.04 9.65 -12.79
C GLY A 251 -18.40 10.81 -11.89
N VAL A 252 -17.45 11.68 -11.55
CA VAL A 252 -17.74 12.76 -10.61
C VAL A 252 -18.74 13.75 -11.21
N ASP A 253 -18.71 13.95 -12.52
CA ASP A 253 -19.57 14.99 -13.12
C ASP A 253 -21.04 14.62 -13.04
N ALA A 254 -21.37 13.33 -12.98
CA ALA A 254 -22.75 12.89 -12.94
C ALA A 254 -23.31 12.79 -11.53
N LEU A 255 -22.50 13.08 -10.51
CA LEU A 255 -22.93 12.90 -9.13
C LEU A 255 -23.76 14.09 -8.67
N GLN A 256 -24.88 13.79 -8.00
CA GLN A 256 -25.62 14.76 -7.20
C GLN A 256 -25.13 14.70 -5.77
N PRO A 257 -25.37 15.74 -4.96
CA PRO A 257 -25.00 15.67 -3.55
C PRO A 257 -25.58 14.42 -2.88
N GLY A 258 -24.76 13.75 -2.09
CA GLY A 258 -25.16 12.54 -1.41
C GLY A 258 -24.97 11.26 -2.20
N GLN A 259 -24.33 11.32 -3.36
CA GLN A 259 -24.16 10.17 -4.23
C GLN A 259 -22.69 9.75 -4.29
N ALA A 260 -22.48 8.50 -4.71
CA ALA A 260 -21.14 7.96 -4.87
C ALA A 260 -21.08 7.13 -6.14
N ASN A 261 -19.91 7.09 -6.76
CA ASN A 261 -19.68 6.25 -7.93
C ASN A 261 -18.23 5.76 -7.90
N LYS A 262 -18.06 4.44 -7.84
CA LYS A 262 -16.73 3.84 -7.81
C LYS A 262 -15.87 4.51 -6.74
N ARG A 263 -14.85 5.25 -7.15
CA ARG A 263 -13.86 5.79 -6.23
C ARG A 263 -14.12 7.25 -5.83
N VAL A 264 -15.27 7.82 -6.16
CA VAL A 264 -15.53 9.24 -5.90
C VAL A 264 -16.91 9.39 -5.25
N VAL A 265 -17.00 10.36 -4.33
CA VAL A 265 -18.25 10.68 -3.65
C VAL A 265 -18.48 12.19 -3.71
N LYS A 266 -19.76 12.57 -3.66
CA LYS A 266 -20.15 13.97 -3.49
C LYS A 266 -21.04 14.02 -2.24
N LEU A 267 -20.62 14.80 -1.25
CA LEU A 267 -21.32 14.84 0.02
C LEU A 267 -22.58 15.70 -0.10
N ASP A 268 -23.33 15.77 1.01
CA ASP A 268 -24.62 16.48 0.99
C ASP A 268 -24.45 17.97 0.71
N ASP A 269 -23.30 18.53 1.06
CA ASP A 269 -23.02 19.94 0.79
C ASP A 269 -22.31 20.17 -0.53
N GLY A 270 -22.22 19.13 -1.37
CA GLY A 270 -21.55 19.24 -2.65
C GLY A 270 -20.05 19.00 -2.63
N ALA A 271 -19.46 18.79 -1.46
CA ALA A 271 -18.02 18.54 -1.40
C ALA A 271 -17.68 17.25 -2.13
N ILE A 272 -16.58 17.28 -2.89
CA ILE A 272 -16.13 16.13 -3.68
C ILE A 272 -14.91 15.52 -3.01
N LEU A 273 -14.99 14.23 -2.71
CA LEU A 273 -13.90 13.49 -2.08
C LEU A 273 -13.85 12.08 -2.66
N ASN A 274 -12.73 11.40 -2.45
CA ASN A 274 -12.53 10.05 -2.99
C ASN A 274 -12.58 9.00 -1.90
N ARG A 275 -12.82 7.77 -2.31
CA ARG A 275 -12.84 6.61 -1.42
C ARG A 275 -12.12 5.46 -2.11
N TYR A 276 -11.76 4.44 -1.33
CA TYR A 276 -11.18 3.24 -1.90
C TYR A 276 -12.29 2.31 -2.38
N TRP A 277 -12.05 1.64 -3.51
CA TRP A 277 -13.10 0.88 -4.17
C TRP A 277 -12.48 -0.14 -5.10
N ASP A 278 -12.95 -1.38 -5.02
CA ASP A 278 -12.53 -2.45 -5.90
C ASP A 278 -13.71 -2.79 -6.81
N ASP A 279 -13.42 -3.00 -8.09
CA ASP A 279 -14.48 -3.18 -9.09
C ASP A 279 -15.18 -4.52 -8.97
N ARG A 280 -14.69 -5.45 -8.16
CA ARG A 280 -15.27 -6.78 -8.06
C ARG A 280 -15.81 -7.01 -6.65
N ASP A 281 -16.67 -8.02 -6.51
CA ASP A 281 -17.28 -8.35 -5.23
C ASP A 281 -17.25 -9.86 -5.02
N THR A 282 -16.09 -10.46 -5.28
CA THR A 282 -15.82 -11.88 -5.10
C THR A 282 -14.70 -12.06 -4.07
N PRO A 283 -14.45 -13.26 -3.57
CA PRO A 283 -13.27 -13.46 -2.71
C PRO A 283 -12.00 -13.07 -3.44
N ARG A 284 -11.06 -12.49 -2.70
CA ARG A 284 -9.73 -12.23 -3.25
C ARG A 284 -9.07 -13.54 -3.60
N PRO A 285 -8.72 -13.79 -4.87
CA PRO A 285 -8.09 -15.08 -5.20
C PRO A 285 -6.88 -15.41 -4.34
N GLU A 286 -6.07 -14.40 -4.03
CA GLU A 286 -4.85 -14.59 -3.25
C GLU A 286 -5.14 -14.82 -1.77
N SER A 287 -6.37 -14.60 -1.32
CA SER A 287 -6.80 -14.88 0.05
C SER A 287 -8.16 -15.57 0.04
N TRP A 288 -8.35 -16.49 -0.91
CA TRP A 288 -9.67 -17.01 -1.24
C TRP A 288 -10.40 -17.55 -0.02
N LEU A 289 -9.77 -18.50 0.68
CA LEU A 289 -10.44 -19.16 1.79
C LEU A 289 -10.67 -18.21 2.96
N ASP A 290 -9.73 -17.29 3.20
CA ASP A 290 -9.92 -16.30 4.25
C ASP A 290 -11.21 -15.53 4.04
N ASP A 291 -11.43 -15.05 2.82
CA ASP A 291 -12.59 -14.21 2.53
C ASP A 291 -13.88 -15.02 2.54
N VAL A 292 -13.85 -16.23 2.00
CA VAL A 292 -15.03 -17.11 2.08
C VAL A 292 -15.42 -17.30 3.54
N ASN A 293 -14.45 -17.63 4.39
CA ASN A 293 -14.74 -17.86 5.81
C ASN A 293 -15.18 -16.58 6.51
N THR A 294 -14.60 -15.44 6.13
CA THR A 294 -15.07 -14.18 6.70
C THR A 294 -16.51 -13.90 6.33
N ALA A 295 -16.89 -14.18 5.08
CA ALA A 295 -18.29 -14.03 4.68
C ALA A 295 -19.19 -15.00 5.45
N LYS A 296 -18.74 -16.23 5.65
CA LYS A 296 -19.51 -17.22 6.40
C LYS A 296 -19.64 -16.85 7.87
N SER A 297 -18.75 -16.01 8.40
CA SER A 297 -18.84 -15.61 9.79
C SER A 297 -19.91 -14.57 10.04
N ASN A 298 -20.49 -13.99 8.99
CA ASN A 298 -21.56 -13.00 9.10
C ASN A 298 -22.60 -13.29 8.03
N PRO A 299 -23.33 -14.40 8.16
CA PRO A 299 -24.24 -14.82 7.09
C PRO A 299 -25.48 -13.95 6.95
N ASN A 300 -25.79 -13.09 7.93
CA ASN A 300 -26.92 -12.17 7.77
C ASN A 300 -26.59 -11.02 6.83
N ARG A 301 -25.34 -10.85 6.45
CA ARG A 301 -24.89 -9.82 5.54
C ARG A 301 -24.61 -10.42 4.16
N PRO A 302 -24.98 -9.74 3.08
CA PRO A 302 -24.67 -10.27 1.74
C PRO A 302 -23.18 -10.44 1.55
N ALA A 303 -22.77 -11.63 1.12
CA ALA A 303 -21.36 -11.93 0.96
C ALA A 303 -20.70 -10.96 -0.03
N THR A 304 -21.42 -10.57 -1.08
CA THR A 304 -20.87 -9.64 -2.06
C THR A 304 -20.48 -8.32 -1.42
N GLU A 305 -21.23 -7.87 -0.42
CA GLU A 305 -20.88 -6.63 0.26
C GLU A 305 -19.64 -6.79 1.10
N ILE A 306 -19.52 -7.93 1.80
CA ILE A 306 -18.32 -8.19 2.59
C ILE A 306 -17.09 -8.28 1.68
N TYR A 307 -17.21 -9.04 0.58
CA TYR A 307 -16.11 -9.16 -0.37
C TYR A 307 -15.70 -7.79 -0.94
N ARG A 308 -16.69 -6.98 -1.32
CA ARG A 308 -16.38 -5.65 -1.83
C ARG A 308 -15.59 -4.84 -0.81
N ASP A 309 -15.97 -4.91 0.46
CA ASP A 309 -15.31 -4.12 1.48
C ASP A 309 -13.96 -4.72 1.89
N LEU A 310 -13.82 -6.04 1.82
CA LEU A 310 -12.50 -6.65 2.00
C LEU A 310 -11.55 -6.22 0.89
N ARG A 311 -12.00 -6.36 -0.36
CA ARG A 311 -11.16 -5.95 -1.50
C ARG A 311 -10.81 -4.47 -1.43
N SER A 312 -11.76 -3.63 -1.00
CA SER A 312 -11.49 -2.20 -0.97
C SER A 312 -10.57 -1.82 0.18
N ALA A 313 -10.58 -2.59 1.27
CA ALA A 313 -9.54 -2.41 2.28
C ALA A 313 -8.17 -2.76 1.72
N ALA A 314 -8.09 -3.79 0.88
CA ALA A 314 -6.84 -4.07 0.18
C ALA A 314 -6.43 -2.91 -0.70
N ALA A 315 -7.41 -2.28 -1.37
CA ALA A 315 -7.13 -1.07 -2.13
C ALA A 315 -6.59 0.05 -1.25
N SER A 316 -7.01 0.09 0.03
CA SER A 316 -6.54 1.16 0.93
C SER A 316 -5.11 0.97 1.38
N GLY A 317 -4.51 -0.19 1.16
CA GLY A 317 -3.23 -0.53 1.74
C GLY A 317 -3.31 -0.98 3.18
N TRP A 318 -4.37 -0.62 3.89
CA TRP A 318 -4.55 -1.02 5.29
C TRP A 318 -5.43 -2.28 5.38
N ASP A 319 -4.94 -3.37 4.79
CA ASP A 319 -5.62 -4.67 4.91
C ASP A 319 -4.92 -5.45 6.03
N PHE A 320 -5.54 -5.53 7.20
CA PHE A 320 -6.83 -4.91 7.56
C PHE A 320 -6.70 -4.13 8.85
N SER A 321 -7.74 -3.42 9.26
CA SER A 321 -7.63 -2.48 10.36
C SER A 321 -8.98 -2.25 11.00
N SER A 322 -8.97 -2.04 12.33
CA SER A 322 -10.16 -1.57 13.05
C SER A 322 -10.73 -0.31 12.42
N ARG A 323 -9.87 0.45 11.75
CA ARG A 323 -10.27 1.67 11.05
C ARG A 323 -11.46 1.45 10.12
N TRP A 324 -11.58 0.26 9.53
CA TRP A 324 -12.64 -0.03 8.57
C TRP A 324 -13.78 -0.85 9.16
N MET A 325 -13.66 -1.30 10.40
CA MET A 325 -14.53 -2.32 10.97
C MET A 325 -15.49 -1.72 11.98
N ASP A 326 -16.74 -2.19 11.95
CA ASP A 326 -17.71 -1.77 12.97
C ASP A 326 -17.42 -2.42 14.31
N ASP A 327 -16.88 -3.64 14.27
CA ASP A 327 -16.47 -4.37 15.47
C ASP A 327 -15.03 -4.81 15.20
N PRO A 328 -14.05 -4.29 15.94
CA PRO A 328 -12.64 -4.59 15.61
C PRO A 328 -12.28 -6.06 15.75
N GLN A 329 -13.13 -6.87 16.39
CA GLN A 329 -12.87 -8.30 16.51
C GLN A 329 -13.56 -9.13 15.43
N LYS A 330 -14.39 -8.52 14.58
CA LYS A 330 -15.14 -9.26 13.57
C LYS A 330 -14.87 -8.65 12.20
N LEU A 331 -14.02 -9.33 11.42
CA LEU A 331 -13.70 -8.86 10.08
C LEU A 331 -14.94 -8.82 9.18
N GLY A 332 -15.95 -9.65 9.49
CA GLY A 332 -17.21 -9.62 8.75
C GLY A 332 -18.00 -8.34 8.90
N THR A 333 -17.58 -7.43 9.77
CA THR A 333 -18.22 -6.12 9.92
C THR A 333 -17.47 -5.03 9.17
N ILE A 334 -16.53 -5.38 8.30
CA ILE A 334 -15.75 -4.38 7.59
C ILE A 334 -16.63 -3.65 6.59
N ARG A 335 -16.48 -2.33 6.51
CA ARG A 335 -17.36 -1.53 5.67
C ARG A 335 -16.58 -0.39 5.01
N THR A 336 -15.47 -0.76 4.36
CA THR A 336 -14.52 0.19 3.81
C THR A 336 -15.18 1.18 2.85
N THR A 337 -16.08 0.72 1.99
CA THR A 337 -16.58 1.58 0.92
C THR A 337 -17.58 2.63 1.42
N SER A 338 -17.98 2.57 2.68
CA SER A 338 -18.81 3.62 3.28
C SER A 338 -17.98 4.59 4.11
N ILE A 339 -16.66 4.61 3.92
CA ILE A 339 -15.76 5.47 4.67
C ILE A 339 -14.96 6.31 3.69
N VAL A 340 -14.89 7.61 3.94
CA VAL A 340 -14.10 8.54 3.15
C VAL A 340 -12.76 8.70 3.85
N PRO A 341 -11.66 8.15 3.31
CA PRO A 341 -10.41 8.10 4.07
C PRO A 341 -9.63 9.40 3.99
N VAL A 342 -9.12 9.84 5.15
CA VAL A 342 -8.42 11.13 5.18
C VAL A 342 -7.06 11.03 4.51
N ASP A 343 -6.39 9.87 4.59
CA ASP A 343 -5.10 9.75 3.92
C ASP A 343 -5.27 9.79 2.41
N LEU A 344 -6.21 9.02 1.87
CA LEU A 344 -6.47 9.06 0.43
C LEU A 344 -6.74 10.48 -0.06
N ASN A 345 -7.56 11.22 0.65
CA ASN A 345 -7.89 12.54 0.14
C ASN A 345 -6.76 13.54 0.30
N ALA A 346 -5.86 13.32 1.28
CA ALA A 346 -4.63 14.10 1.32
C ALA A 346 -3.77 13.80 0.09
N LEU A 347 -3.69 12.54 -0.30
CA LEU A 347 -2.91 12.19 -1.49
C LEU A 347 -3.56 12.73 -2.76
N MET A 348 -4.89 12.75 -2.83
CA MET A 348 -5.57 13.36 -3.96
C MET A 348 -5.24 14.86 -4.05
N PHE A 349 -5.16 15.53 -2.90
CA PHE A 349 -4.76 16.94 -2.90
C PHE A 349 -3.37 17.12 -3.48
N LYS A 350 -2.42 16.27 -3.06
CA LYS A 350 -1.08 16.35 -3.61
C LYS A 350 -1.07 16.09 -5.12
N MET A 351 -1.88 15.13 -5.56
CA MET A 351 -1.96 14.83 -6.99
C MET A 351 -2.46 16.04 -7.77
N GLU A 352 -3.49 16.71 -7.25
CA GLU A 352 -4.01 17.89 -7.92
C GLU A 352 -2.97 19.02 -7.95
N LYS A 353 -2.22 19.18 -6.86
CA LYS A 353 -1.15 20.18 -6.82
C LYS A 353 -0.03 19.85 -7.80
N LEU A 354 0.36 18.58 -7.86
CA LEU A 354 1.44 18.20 -8.78
C LEU A 354 0.99 18.26 -10.23
N LEU A 355 -0.28 17.95 -10.51
CA LEU A 355 -0.81 18.13 -11.85
C LEU A 355 -0.77 19.60 -12.26
N ALA A 356 -1.09 20.50 -11.34
CA ALA A 356 -0.98 21.93 -11.64
C ALA A 356 0.47 22.32 -11.92
N ARG A 357 1.41 21.79 -11.12
CA ARG A 357 2.82 22.10 -11.34
C ARG A 357 3.30 21.55 -12.67
N ALA A 358 2.95 20.29 -12.98
CA ALA A 358 3.34 19.71 -14.26
C ALA A 358 2.77 20.51 -15.42
N SER A 359 1.52 20.97 -15.30
CA SER A 359 0.92 21.79 -16.35
C SER A 359 1.63 23.13 -16.47
N GLN A 360 1.91 23.79 -15.34
CA GLN A 360 2.60 25.07 -15.36
C GLN A 360 3.97 24.94 -16.01
N GLU A 361 4.70 23.86 -15.70
CA GLU A 361 6.01 23.64 -16.31
C GLU A 361 5.90 23.37 -17.80
N SER A 362 4.79 22.79 -18.25
CA SER A 362 4.58 22.53 -19.67
C SER A 362 4.09 23.74 -20.43
N GLY A 363 3.95 24.89 -19.79
CA GLY A 363 3.39 26.06 -20.45
C GLY A 363 1.91 25.97 -20.73
N ASP A 364 1.18 25.21 -19.93
CA ASP A 364 -0.25 24.98 -20.12
C ASP A 364 -0.98 25.71 -18.98
N ALA A 365 -1.23 27.00 -19.20
CA ALA A 365 -1.82 27.82 -18.14
C ALA A 365 -3.24 27.37 -17.82
N ALA A 366 -4.01 26.94 -18.83
CA ALA A 366 -5.39 26.56 -18.60
C ALA A 366 -5.49 25.33 -17.70
N SER A 367 -4.70 24.29 -18.00
CA SER A 367 -4.69 23.12 -17.14
C SER A 367 -4.14 23.44 -15.77
N ALA A 368 -3.09 24.28 -15.70
CA ALA A 368 -2.53 24.65 -14.40
C ALA A 368 -3.56 25.35 -13.53
N SER A 369 -4.32 26.28 -14.12
CA SER A 369 -5.38 26.96 -13.39
C SER A 369 -6.48 25.99 -12.98
N LYS A 370 -6.85 25.07 -13.87
CA LYS A 370 -7.88 24.10 -13.55
C LYS A 370 -7.49 23.26 -12.34
N TYR A 371 -6.26 22.73 -12.35
CA TYR A 371 -5.86 21.82 -11.29
C TYR A 371 -5.61 22.57 -9.98
N GLU A 372 -5.07 23.79 -10.06
CA GLU A 372 -4.94 24.60 -8.85
C GLU A 372 -6.29 24.83 -8.19
N ALA A 373 -7.34 25.08 -8.99
CA ALA A 373 -8.67 25.26 -8.43
C ALA A 373 -9.18 23.97 -7.81
N LEU A 374 -8.89 22.83 -8.44
CA LEU A 374 -9.29 21.55 -7.87
C LEU A 374 -8.58 21.30 -6.54
N ALA A 375 -7.28 21.62 -6.48
CA ALA A 375 -6.55 21.48 -5.24
C ALA A 375 -7.12 22.39 -4.15
N THR A 376 -7.46 23.63 -4.51
CA THR A 376 -8.04 24.54 -3.54
C THR A 376 -9.35 24.00 -2.98
N ALA A 377 -10.21 23.47 -3.86
CA ALA A 377 -11.47 22.91 -3.39
C ALA A 377 -11.23 21.67 -2.54
N ARG A 378 -10.24 20.86 -2.90
CA ARG A 378 -9.91 19.68 -2.11
C ARG A 378 -9.47 20.06 -0.71
N GLN A 379 -8.59 21.06 -0.60
CA GLN A 379 -8.12 21.49 0.72
C GLN A 379 -9.28 21.94 1.59
N LYS A 380 -10.20 22.72 1.02
CA LYS A 380 -11.38 23.15 1.77
C LYS A 380 -12.23 21.95 2.18
N ALA A 381 -12.38 20.97 1.28
CA ALA A 381 -13.19 19.80 1.60
C ALA A 381 -12.55 18.98 2.71
N ILE A 382 -11.22 18.89 2.73
CA ILE A 382 -10.53 18.21 3.83
C ILE A 382 -10.79 18.93 5.15
N GLU A 383 -10.57 20.24 5.17
CA GLU A 383 -10.70 21.01 6.41
C GLU A 383 -12.14 21.00 6.92
N SER A 384 -13.12 20.87 6.02
CA SER A 384 -14.52 20.95 6.40
CA SER A 384 -14.52 20.96 6.40
C SER A 384 -15.13 19.61 6.77
N HIS A 385 -14.53 18.50 6.34
CA HIS A 385 -15.17 17.20 6.52
C HIS A 385 -14.29 16.13 7.15
N LEU A 386 -12.97 16.34 7.21
CA LEU A 386 -12.06 15.31 7.71
C LEU A 386 -11.32 15.78 8.94
N TRP A 387 -11.85 16.81 9.61
CA TRP A 387 -11.27 17.36 10.83
C TRP A 387 -12.23 17.08 11.97
N ASN A 388 -11.74 16.44 13.03
CA ASN A 388 -12.53 16.20 14.23
C ASN A 388 -12.16 17.28 15.24
N ASP A 389 -13.01 18.30 15.37
CA ASP A 389 -12.66 19.43 16.22
C ASP A 389 -12.84 19.11 17.71
N LYS A 390 -13.77 18.23 18.06
CA LYS A 390 -13.92 17.84 19.46
C LYS A 390 -12.64 17.17 19.97
N GLU A 391 -12.05 16.30 19.16
CA GLU A 391 -10.84 15.59 19.57
C GLU A 391 -9.57 16.34 19.19
N GLY A 392 -9.60 17.11 18.11
CA GLY A 392 -8.43 17.82 17.67
C GLY A 392 -7.50 17.00 16.80
N TRP A 393 -8.06 16.24 15.86
CA TRP A 393 -7.21 15.56 14.88
C TRP A 393 -8.01 15.30 13.63
N TYR A 394 -7.30 15.11 12.52
CA TYR A 394 -7.91 14.69 11.27
C TYR A 394 -8.37 13.23 11.38
N ALA A 395 -9.42 12.89 10.64
CA ALA A 395 -10.04 11.58 10.76
C ALA A 395 -10.83 11.29 9.50
N ASP A 396 -11.22 10.03 9.34
CA ASP A 396 -12.07 9.64 8.23
C ASP A 396 -13.48 10.21 8.42
N TYR A 397 -14.23 10.21 7.33
CA TYR A 397 -15.62 10.67 7.31
C TYR A 397 -16.53 9.47 7.06
N ASP A 398 -17.58 9.34 7.85
CA ASP A 398 -18.49 8.21 7.78
C ASP A 398 -19.64 8.53 6.83
N LEU A 399 -19.75 7.77 5.74
CA LEU A 399 -20.82 8.03 4.78
C LEU A 399 -22.19 7.66 5.32
N LYS A 400 -22.25 6.72 6.26
CA LYS A 400 -23.54 6.29 6.80
C LYS A 400 -24.11 7.32 7.76
N SER A 401 -23.33 7.69 8.78
CA SER A 401 -23.78 8.68 9.74
C SER A 401 -23.58 10.12 9.26
N LYS A 402 -22.86 10.30 8.15
CA LYS A 402 -22.60 11.64 7.58
C LYS A 402 -21.90 12.54 8.59
N LYS A 403 -20.88 11.99 9.24
CA LYS A 403 -20.13 12.71 10.27
C LYS A 403 -18.67 12.29 10.21
N VAL A 404 -17.79 13.21 10.61
CA VAL A 404 -16.39 12.83 10.80
C VAL A 404 -16.31 11.83 11.94
N ARG A 405 -15.43 10.85 11.80
CA ARG A 405 -15.34 9.80 12.80
C ARG A 405 -14.42 10.24 13.94
N ASN A 406 -14.45 9.48 15.03
CA ASN A 406 -13.68 9.85 16.22
C ASN A 406 -12.32 9.15 16.29
N GLN A 407 -12.18 7.99 15.67
CA GLN A 407 -10.98 7.18 15.87
C GLN A 407 -9.73 7.90 15.38
N LEU A 408 -8.69 7.90 16.21
CA LEU A 408 -7.37 8.41 15.84
C LEU A 408 -6.55 7.29 15.23
N THR A 409 -6.04 7.49 14.01
CA THR A 409 -5.06 6.60 13.41
C THR A 409 -3.92 7.42 12.83
N ALA A 410 -2.83 6.75 12.43
CA ALA A 410 -1.71 7.45 11.81
C ALA A 410 -2.10 8.17 10.52
N ALA A 411 -3.24 7.83 9.92
CA ALA A 411 -3.70 8.56 8.74
C ALA A 411 -3.97 10.03 9.04
N ALA A 412 -4.18 10.38 10.32
CA ALA A 412 -4.36 11.78 10.71
C ALA A 412 -3.16 12.64 10.33
N LEU A 413 -1.98 12.04 10.13
CA LEU A 413 -0.79 12.81 9.79
C LEU A 413 -0.75 13.23 8.32
N PHE A 414 -1.59 12.64 7.49
CA PHE A 414 -1.46 12.82 6.05
C PHE A 414 -1.73 14.25 5.58
N PRO A 415 -2.72 14.97 6.12
CA PRO A 415 -2.86 16.38 5.72
C PRO A 415 -1.66 17.23 6.07
N LEU A 416 -0.91 16.88 7.12
CA LEU A 416 0.35 17.55 7.39
C LEU A 416 1.40 17.16 6.36
N TYR A 417 1.46 15.86 6.03
CA TYR A 417 2.44 15.35 5.08
C TYR A 417 2.34 16.06 3.73
N VAL A 418 1.12 16.29 3.24
CA VAL A 418 0.93 16.90 1.92
C VAL A 418 0.75 18.41 2.01
N LYS A 419 0.88 18.99 3.21
CA LYS A 419 0.83 20.45 3.41
C LYS A 419 -0.54 21.04 3.08
N ALA A 420 -1.60 20.31 3.42
CA ALA A 420 -2.95 20.83 3.29
C ALA A 420 -3.48 21.39 4.60
N ALA A 421 -2.85 21.06 5.72
CA ALA A 421 -3.41 21.40 7.03
C ALA A 421 -3.13 22.85 7.40
N ALA A 422 -4.07 23.43 8.14
CA ALA A 422 -3.82 24.70 8.82
C ALA A 422 -2.85 24.49 9.98
N GLN A 423 -2.05 25.52 10.25
CA GLN A 423 -1.00 25.40 11.26
C GLN A 423 -1.57 24.98 12.61
N ASP A 424 -2.67 25.62 13.04
CA ASP A 424 -3.20 25.31 14.37
C ASP A 424 -3.68 23.87 14.45
N ARG A 425 -4.22 23.34 13.35
CA ARG A 425 -4.66 21.93 13.36
C ARG A 425 -3.47 21.00 13.33
N ALA A 426 -2.41 21.36 12.59
CA ALA A 426 -1.20 20.56 12.60
C ALA A 426 -0.59 20.51 13.99
N ASP A 427 -0.68 21.62 14.75
CA ASP A 427 -0.15 21.61 16.11
C ASP A 427 -0.95 20.68 17.00
N LYS A 428 -2.27 20.65 16.83
CA LYS A 428 -3.10 19.74 17.62
C LYS A 428 -2.81 18.28 17.26
N VAL A 429 -2.58 18.00 15.98
CA VAL A 429 -2.23 16.64 15.57
C VAL A 429 -0.88 16.24 16.17
N ALA A 430 0.07 17.18 16.21
CA ALA A 430 1.34 16.88 16.86
C ALA A 430 1.15 16.53 18.33
N ALA A 431 0.26 17.24 19.01
CA ALA A 431 -0.02 16.93 20.41
C ALA A 431 -0.68 15.56 20.55
N ALA A 432 -1.63 15.25 19.66
CA ALA A 432 -2.25 13.93 19.69
C ALA A 432 -1.23 12.85 19.39
N THR A 433 -0.28 13.14 18.49
CA THR A 433 0.75 12.15 18.16
C THR A 433 1.66 11.88 19.35
N SER A 434 2.20 12.95 19.95
CA SER A 434 3.10 12.77 21.08
CA SER A 434 3.10 12.77 21.09
C SER A 434 2.39 12.10 22.25
N SER A 435 1.11 12.42 22.47
CA SER A 435 0.43 11.92 23.66
C SER A 435 -0.27 10.58 23.47
N ARG A 436 -0.57 10.18 22.23
CA ARG A 436 -1.35 8.95 22.05
C ARG A 436 -0.70 7.94 21.12
N LEU A 437 0.09 8.39 20.15
CA LEU A 437 0.59 7.50 19.12
C LEU A 437 2.08 7.20 19.20
N LEU A 438 2.86 8.06 19.85
CA LEU A 438 4.31 7.87 19.93
C LEU A 438 4.62 6.81 20.97
N LYS A 439 5.18 5.69 20.54
CA LYS A 439 5.47 4.54 21.39
C LYS A 439 6.98 4.30 21.43
N PRO A 440 7.49 3.40 22.28
CA PRO A 440 8.95 3.21 22.35
C PRO A 440 9.59 2.89 21.02
N GLY A 441 8.90 2.19 20.12
CA GLY A 441 9.53 1.73 18.89
C GLY A 441 9.05 2.41 17.62
N GLY A 442 8.38 3.55 17.75
CA GLY A 442 7.93 4.32 16.60
C GLY A 442 6.52 4.82 16.82
N ILE A 443 5.91 5.35 15.76
CA ILE A 443 4.54 5.84 15.84
C ILE A 443 3.59 4.67 15.61
N ALA A 444 2.61 4.52 16.51
CA ALA A 444 1.63 3.47 16.40
C ALA A 444 0.67 3.73 15.24
N THR A 445 0.09 2.65 14.74
CA THR A 445 -0.83 2.76 13.60
C THR A 445 -2.22 3.18 14.06
N THR A 446 -2.72 2.53 15.12
CA THR A 446 -3.95 2.90 15.80
C THR A 446 -3.73 2.67 17.28
N THR A 447 -4.75 2.95 18.10
CA THR A 447 -4.69 2.61 19.51
C THR A 447 -5.55 1.39 19.83
N VAL A 448 -5.95 0.62 18.81
CA VAL A 448 -6.80 -0.55 18.97
C VAL A 448 -5.99 -1.79 18.61
N ASN A 449 -5.79 -2.69 19.59
CA ASN A 449 -5.10 -3.95 19.32
C ASN A 449 -6.16 -4.97 18.94
N SER A 450 -6.45 -5.05 17.65
CA SER A 450 -7.51 -5.89 17.11
C SER A 450 -7.05 -7.30 16.78
N GLY A 451 -5.75 -7.51 16.60
CA GLY A 451 -5.27 -8.73 16.00
C GLY A 451 -5.03 -8.62 14.51
N GLN A 452 -5.49 -7.54 13.88
CA GLN A 452 -5.15 -7.25 12.49
C GLN A 452 -3.81 -6.52 12.43
N GLN A 453 -3.22 -6.46 11.23
CA GLN A 453 -1.85 -5.96 11.15
C GLN A 453 -1.76 -4.44 11.01
N TRP A 454 -2.77 -3.76 10.46
CA TRP A 454 -2.76 -2.29 10.44
C TRP A 454 -3.49 -1.75 11.67
N ASP A 455 -2.87 -1.99 12.81
CA ASP A 455 -3.45 -1.72 14.13
C ASP A 455 -2.33 -1.80 15.15
N ALA A 456 -2.59 -1.32 16.35
CA ALA A 456 -1.71 -1.61 17.46
C ALA A 456 -1.51 -3.12 17.57
N PRO A 457 -0.30 -3.59 17.93
CA PRO A 457 0.88 -2.81 18.33
C PRO A 457 1.87 -2.58 17.19
N ASN A 458 1.39 -2.55 15.95
CA ASN A 458 2.28 -2.55 14.80
C ASN A 458 2.66 -1.12 14.37
N GLY A 459 3.92 -0.97 13.98
CA GLY A 459 4.40 0.25 13.36
C GLY A 459 4.90 -0.06 11.95
N TRP A 460 4.50 0.76 10.98
CA TRP A 460 4.80 0.53 9.58
C TRP A 460 5.68 1.66 9.04
N ALA A 461 6.78 1.28 8.39
CA ALA A 461 7.72 2.23 7.80
C ALA A 461 7.05 3.37 7.04
N PRO A 462 6.10 3.15 6.12
CA PRO A 462 5.52 4.30 5.41
C PRO A 462 4.88 5.30 6.36
N LEU A 463 4.24 4.81 7.42
CA LEU A 463 3.59 5.71 8.35
C LEU A 463 4.60 6.46 9.21
N GLN A 464 5.74 5.83 9.53
CA GLN A 464 6.81 6.53 10.22
C GLN A 464 7.30 7.70 9.38
N TRP A 465 7.45 7.48 8.08
CA TRP A 465 7.96 8.53 7.20
C TRP A 465 6.93 9.64 7.03
N VAL A 466 5.66 9.27 6.76
CA VAL A 466 4.60 10.26 6.63
C VAL A 466 4.52 11.12 7.89
N ALA A 467 4.61 10.49 9.05
CA ALA A 467 4.53 11.23 10.31
C ALA A 467 5.70 12.18 10.47
N ALA A 468 6.93 11.66 10.35
CA ALA A 468 8.11 12.48 10.54
C ALA A 468 8.11 13.68 9.59
N GLU A 469 7.75 13.43 8.32
CA GLU A 469 7.77 14.50 7.32
C GLU A 469 6.66 15.51 7.57
N GLY A 470 5.46 15.04 7.85
CA GLY A 470 4.36 15.96 8.10
C GLY A 470 4.60 16.84 9.31
N LEU A 471 5.09 16.24 10.39
CA LEU A 471 5.46 17.02 11.57
C LEU A 471 6.54 18.05 11.24
N GLN A 472 7.55 17.63 10.48
CA GLN A 472 8.61 18.55 10.07
C GLN A 472 8.06 19.69 9.23
N ASN A 473 7.07 19.38 8.37
CA ASN A 473 6.50 20.40 7.49
C ASN A 473 5.87 21.55 8.28
N TYR A 474 5.46 21.32 9.52
CA TYR A 474 4.79 22.33 10.31
C TYR A 474 5.60 22.74 11.53
N GLY A 475 6.93 22.59 11.43
CA GLY A 475 7.82 23.06 12.47
C GLY A 475 7.81 22.23 13.73
N GLN A 476 7.19 21.06 13.73
CA GLN A 476 7.18 20.20 14.91
C GLN A 476 8.39 19.27 14.88
N GLU A 477 9.57 19.89 14.97
CA GLU A 477 10.80 19.17 14.74
C GLU A 477 11.11 18.18 15.85
N LYS A 478 10.73 18.49 17.09
CA LYS A 478 11.03 17.60 18.21
C LYS A 478 10.24 16.29 18.09
N VAL A 479 8.93 16.38 17.86
CA VAL A 479 8.14 15.16 17.68
C VAL A 479 8.59 14.43 16.43
N SER A 480 8.90 15.16 15.37
CA SER A 480 9.39 14.54 14.13
C SER A 480 10.63 13.70 14.40
N MET A 481 11.61 14.27 15.11
CA MET A 481 12.83 13.55 15.43
C MET A 481 12.57 12.41 16.41
N ASP A 482 11.59 12.56 17.30
CA ASP A 482 11.24 11.47 18.21
C ASP A 482 10.75 10.25 17.44
N VAL A 483 9.85 10.47 16.47
CA VAL A 483 9.39 9.37 15.62
C VAL A 483 10.55 8.73 14.89
N THR A 484 11.41 9.56 14.29
CA THR A 484 12.55 9.05 13.52
C THR A 484 13.48 8.24 14.40
N TRP A 485 13.86 8.77 15.55
N TRP A 485 13.86 8.77 15.55
CA TRP A 485 14.83 8.10 16.41
CA TRP A 485 14.82 8.10 16.41
C TRP A 485 14.27 6.79 16.96
C TRP A 485 14.27 6.79 16.95
N ARG A 486 13.02 6.80 17.39
CA ARG A 486 12.44 5.59 17.97
C ARG A 486 12.26 4.50 16.92
N PHE A 487 11.84 4.86 15.71
CA PHE A 487 11.74 3.83 14.67
C PHE A 487 13.11 3.32 14.27
N LEU A 488 14.10 4.21 14.12
CA LEU A 488 15.45 3.77 13.78
C LEU A 488 16.01 2.83 14.84
N LYS A 489 15.77 3.15 16.12
CA LYS A 489 16.22 2.26 17.19
C LYS A 489 15.55 0.89 17.08
N ASN A 490 14.27 0.88 16.71
CA ASN A 490 13.58 -0.39 16.50
C ASN A 490 14.22 -1.16 15.35
N VAL A 491 14.48 -0.49 14.23
CA VAL A 491 15.09 -1.15 13.08
C VAL A 491 16.49 -1.65 13.41
N GLN A 492 17.29 -0.83 14.09
CA GLN A 492 18.66 -1.23 14.39
C GLN A 492 18.72 -2.39 15.37
N HIS A 493 17.91 -2.33 16.44
CA HIS A 493 17.92 -3.43 17.41
C HIS A 493 17.40 -4.72 16.79
N THR A 494 16.38 -4.61 15.92
CA THR A 494 15.90 -5.80 15.23
C THR A 494 16.97 -6.36 14.30
N TYR A 495 17.70 -5.48 13.60
CA TYR A 495 18.78 -5.94 12.74
C TYR A 495 19.91 -6.57 13.55
N ASP A 496 20.25 -5.99 14.70
CA ASP A 496 21.28 -6.57 15.54
C ASP A 496 20.90 -7.97 16.01
N ARG A 497 19.62 -8.17 16.34
CA ARG A 497 19.19 -9.43 16.94
C ARG A 497 18.78 -10.46 15.90
N GLU A 498 18.17 -10.03 14.81
CA GLU A 498 17.60 -10.94 13.82
C GLU A 498 18.33 -10.90 12.49
N LYS A 499 19.25 -9.96 12.29
CA LYS A 499 20.08 -9.84 11.09
C LYS A 499 19.26 -9.55 9.84
N LYS A 500 18.14 -8.84 9.98
CA LYS A 500 17.31 -8.55 8.82
C LYS A 500 16.44 -7.34 9.13
N LEU A 501 15.83 -6.79 8.09
CA LEU A 501 14.71 -5.89 8.21
C LEU A 501 13.43 -6.63 7.84
N VAL A 502 12.31 -6.15 8.38
CA VAL A 502 11.04 -6.87 8.29
C VAL A 502 9.93 -5.92 7.86
N GLU A 503 8.78 -6.52 7.55
CA GLU A 503 7.66 -5.83 6.92
C GLU A 503 7.04 -4.77 7.83
N LYS A 504 6.89 -5.09 9.12
CA LYS A 504 6.36 -4.15 10.09
C LYS A 504 7.00 -4.45 11.44
N TYR A 505 6.91 -3.50 12.37
CA TYR A 505 7.60 -3.62 13.64
C TYR A 505 6.60 -3.47 14.79
N ASP A 506 6.88 -4.16 15.88
CA ASP A 506 6.13 -3.95 17.11
C ASP A 506 6.69 -2.73 17.82
N VAL A 507 5.85 -1.71 18.04
CA VAL A 507 6.32 -0.45 18.61
C VAL A 507 6.20 -0.39 20.13
N SER A 508 5.64 -1.42 20.77
CA SER A 508 5.58 -1.40 22.24
C SER A 508 6.97 -1.50 22.86
N THR A 509 7.92 -2.10 22.15
CA THR A 509 9.31 -2.15 22.56
C THR A 509 10.16 -1.83 21.34
N THR A 510 11.45 -2.14 21.39
CA THR A 510 12.28 -2.15 20.21
C THR A 510 12.90 -3.53 20.04
N GLY A 511 13.17 -3.90 18.80
CA GLY A 511 13.88 -5.13 18.49
C GLY A 511 13.03 -6.26 17.95
N THR A 512 11.71 -6.09 17.86
CA THR A 512 10.84 -7.17 17.41
C THR A 512 9.98 -6.74 16.24
N GLY A 513 9.82 -7.64 15.27
CA GLY A 513 8.89 -7.40 14.19
C GLY A 513 7.45 -7.53 14.65
N GLY A 514 6.54 -6.97 13.84
CA GLY A 514 5.13 -7.00 14.15
C GLY A 514 4.45 -8.29 13.72
N GLY A 515 3.13 -8.25 13.73
CA GLY A 515 2.37 -9.44 13.41
C GLY A 515 0.90 -9.11 13.25
N GLY A 516 0.09 -10.17 13.24
CA GLY A 516 -1.35 -10.02 13.08
C GLY A 516 -1.78 -10.26 11.65
N GLY A 517 -3.09 -10.38 11.48
CA GLY A 517 -3.65 -10.56 10.16
C GLY A 517 -3.54 -11.97 9.63
N GLU A 518 -3.72 -12.09 8.32
CA GLU A 518 -3.95 -13.38 7.68
C GLU A 518 -2.68 -14.08 7.22
N TYR A 519 -1.52 -13.45 7.35
CA TYR A 519 -0.27 -14.06 6.88
C TYR A 519 0.84 -13.69 7.85
N PRO A 520 1.92 -14.48 7.88
CA PRO A 520 3.00 -14.22 8.85
C PRO A 520 3.86 -13.02 8.44
N LEU A 521 4.54 -12.46 9.43
CA LEU A 521 5.50 -11.38 9.20
C LEU A 521 6.49 -11.73 8.09
N GLN A 522 6.64 -10.81 7.13
CA GLN A 522 7.52 -11.04 6.00
C GLN A 522 8.84 -10.31 6.18
N ASP A 523 9.88 -10.80 5.49
CA ASP A 523 11.23 -10.27 5.58
C ASP A 523 11.63 -9.54 4.31
N GLY A 524 12.55 -8.59 4.46
CA GLY A 524 13.14 -7.90 3.33
C GLY A 524 13.81 -6.59 3.72
N PHE A 525 13.04 -5.50 3.74
CA PHE A 525 11.69 -5.44 3.21
C PHE A 525 11.57 -4.05 2.61
N GLY A 526 11.14 -3.99 1.35
CA GLY A 526 11.13 -2.77 0.55
C GLY A 526 11.04 -1.45 1.30
N TRP A 527 9.86 -1.12 1.84
CA TRP A 527 9.70 0.21 2.40
C TRP A 527 10.39 0.37 3.75
N SER A 528 10.61 -0.73 4.49
CA SER A 528 11.45 -0.62 5.68
C SER A 528 12.86 -0.19 5.31
N ASN A 529 13.41 -0.80 4.26
CA ASN A 529 14.77 -0.47 3.85
C ASN A 529 14.86 0.96 3.32
N GLY A 530 13.85 1.38 2.53
CA GLY A 530 13.90 2.71 1.97
C GLY A 530 13.80 3.80 3.02
N VAL A 531 12.82 3.66 3.93
CA VAL A 531 12.63 4.67 4.97
C VAL A 531 13.83 4.71 5.91
N THR A 532 14.41 3.55 6.22
CA THR A 532 15.54 3.52 7.13
C THR A 532 16.71 4.34 6.59
N LEU A 533 17.01 4.21 5.29
CA LEU A 533 18.11 4.97 4.70
C LEU A 533 17.88 6.47 4.83
N LYS A 534 16.67 6.94 4.49
CA LYS A 534 16.35 8.35 4.62
C LYS A 534 16.49 8.83 6.05
N MET A 535 16.02 8.03 7.00
CA MET A 535 16.10 8.45 8.40
C MET A 535 17.53 8.38 8.94
N LEU A 536 18.27 7.33 8.58
CA LEU A 536 19.65 7.20 9.04
C LEU A 536 20.49 8.39 8.61
N ASP A 537 20.25 8.91 7.40
CA ASP A 537 20.98 10.09 6.96
C ASP A 537 20.66 11.30 7.81
N ARG A 538 19.48 11.33 8.42
CA ARG A 538 19.02 12.50 9.15
C ARG A 538 19.62 12.61 10.54
N VAL A 539 20.11 11.51 11.11
CA VAL A 539 20.56 11.50 12.49
C VAL A 539 22.09 11.57 12.62
N CYS A 540 22.81 11.68 11.52
CA CYS A 540 24.24 11.91 11.55
C CYS A 540 24.59 13.02 10.57
N PRO A 541 25.68 13.75 10.82
CA PRO A 541 26.07 14.83 9.91
C PRO A 541 26.19 14.34 8.47
N LYS A 542 25.75 15.17 7.53
CA LYS A 542 25.78 14.79 6.12
C LYS A 542 27.20 14.48 5.66
N ALA A 543 28.20 15.10 6.27
CA ALA A 543 29.58 14.91 5.83
C ALA A 543 30.21 13.65 6.42
N LYS A 544 29.73 13.18 7.58
CA LYS A 544 30.18 11.93 8.18
C LYS A 544 28.96 11.07 8.47
N PRO A 545 28.42 10.38 7.46
CA PRO A 545 27.25 9.53 7.68
C PRO A 545 27.59 8.34 8.55
N CYS A 546 26.56 7.79 9.18
CA CYS A 546 26.67 6.58 9.97
C CYS A 546 26.15 5.39 9.20
N ASP A 547 26.74 4.22 9.46
CA ASP A 547 26.24 2.97 8.89
C ASP A 547 25.43 2.16 9.87
N SER A 548 25.38 2.58 11.14
CA SER A 548 24.50 2.03 12.15
C SER A 548 23.84 3.20 12.87
N VAL A 549 22.68 2.95 13.47
CA VAL A 549 22.01 4.00 14.23
C VAL A 549 22.85 4.32 15.47
N PRO A 550 23.17 5.59 15.72
CA PRO A 550 24.03 5.92 16.86
C PRO A 550 23.40 5.51 18.19
N GLU A 551 24.24 5.47 19.22
CA GLU A 551 23.80 5.00 20.53
C GLU A 551 22.85 6.00 21.19
N ASN A 552 23.16 7.30 21.11
CA ASN A 552 22.44 8.33 21.83
C ASN A 552 21.76 9.31 20.89
N GLN A 553 20.71 9.94 21.41
CA GLN A 553 19.91 11.03 20.80
C GLN A 553 18.66 10.50 20.13
S SO4 B . 20.85 1.19 -10.72
O1 SO4 B . 19.67 2.05 -10.61
O2 SO4 B . 20.76 0.41 -11.95
O3 SO4 B . 22.04 2.02 -10.75
O4 SO4 B . 20.89 0.27 -9.58
S SO4 C . -15.73 6.26 15.38
O1 SO4 C . -16.27 7.61 15.44
O2 SO4 C . -16.62 5.45 14.55
O3 SO4 C . -14.38 6.27 14.80
O4 SO4 C . -15.66 5.70 16.73
S SO4 D . 6.69 19.88 -2.32
O1 SO4 D . 5.72 20.54 -1.46
O2 SO4 D . 6.85 20.64 -3.56
O3 SO4 D . 6.22 18.54 -2.62
O4 SO4 D . 7.98 19.79 -1.64
S SO4 E . -12.85 1.25 -14.12
O1 SO4 E . -14.01 1.39 -14.98
O2 SO4 E . -13.28 1.24 -12.72
O3 SO4 E . -11.94 2.36 -14.36
O4 SO4 E . -12.17 -0.01 -14.42
S SO4 F . 14.57 -13.11 -14.41
O1 SO4 F . 14.32 -11.81 -13.79
O2 SO4 F . 13.74 -13.28 -15.60
O3 SO4 F . 15.98 -13.20 -14.82
O4 SO4 F . 14.28 -14.15 -13.43
S SO4 G . 29.27 3.94 12.10
O1 SO4 G . 29.33 5.25 12.73
O2 SO4 G . 27.92 3.41 12.24
O3 SO4 G . 29.58 4.07 10.67
O4 SO4 G . 30.20 3.02 12.73
S SO4 H . 17.47 -2.14 -21.18
O1 SO4 H . 17.50 -0.74 -20.76
O2 SO4 H . 16.47 -2.31 -22.23
O3 SO4 H . 18.79 -2.53 -21.68
O4 SO4 H . 17.14 -2.98 -20.04
S SO4 I . 24.30 18.50 8.92
O1 SO4 I . 23.81 19.79 8.41
O2 SO4 I . 23.51 18.13 10.09
O3 SO4 I . 25.70 18.64 9.30
O4 SO4 I . 24.16 17.48 7.88
O7 VDM J . 4.04 -4.95 0.89
C7 VDM J . 3.04 -5.25 -0.05
C5 VDM J . 1.68 -5.10 0.65
C6 VDM J . 1.22 -6.16 1.29
C4 VDM J . 1.35 -3.67 1.12
O4 VDM J . 1.28 -2.79 0.02
C3 VDM J . 0.03 -3.60 1.90
O3 VDM J . -0.01 -2.35 2.52
C2 VDM J . -0.02 -4.76 2.91
O2 VDM J . -1.15 -4.63 3.73
C1 VDM J . -0.03 -6.10 2.17
N1' VDM J . -1.24 -6.28 1.35
C1' VDM J . -1.07 -7.27 0.27
C2' VDM J . -1.87 -6.84 -0.97
O2' VDM J . -1.73 -5.46 -1.19
C6' VDM J . -1.41 -8.71 0.72
C5' VDM J . -2.86 -9.18 0.56
C7' VDM J . -2.97 -10.71 0.59
O7' VDM J . -2.59 -11.17 1.87
C4' VDM J . -3.50 -8.70 -0.74
O4' VDM J . -4.86 -9.06 -0.72
C3' VDM J . -3.35 -7.19 -0.81
O3' VDM J . -4.06 -6.72 -1.91
C1 GOL K . 13.59 19.99 -20.19
O1 GOL K . 12.97 20.74 -21.21
C2 GOL K . 13.44 20.71 -18.86
O2 GOL K . 12.81 19.89 -17.93
C3 GOL K . 14.78 21.14 -18.29
O3 GOL K . 14.93 22.52 -18.45
#